data_5I3H
#
_entry.id   5I3H
#
_cell.length_a   46.282
_cell.length_b   46.656
_cell.length_c   60.981
_cell.angle_alpha   72.68
_cell.angle_beta   88.47
_cell.angle_gamma   80.60
#
_symmetry.space_group_name_H-M   'P 1'
#
loop_
_entity.id
_entity.type
_entity.pdbx_description
1 polymer 'Triosephosphate isomerase, glycosomal'
2 non-polymer 'POTASSIUM ION'
3 non-polymer '2-PHOSPHOGLYCOLIC ACID'
4 water water
#
_entity_poly.entity_id   1
_entity_poly.type   'polypeptide(L)'
_entity_poly.pdbx_seq_one_letter_code
;MSKPQPIAAANWKCNGSQQSLSELIDLFNSTSINHDVQCVVASTFVHLAMTKERLSHPKFVIAAQNAIAKSGAFTGEVSL
PILKDFGVNWIVLGHSERRAYYGETNEIVADKVAAAVASGFMVIACIGETLQERESGRTAVVVLTQIAAIAKKLKKADWA
KVVIAYEPVWAAGTGKVATPQQAQEAHALIRSWVSSKIGADVAGELRILYGGSVNGKNARTLYQQRDVNGFAVGGASLKP
EFVDIIKATQ
;
_entity_poly.pdbx_strand_id   A,B
#
loop_
_chem_comp.id
_chem_comp.type
_chem_comp.name
_chem_comp.formula
K non-polymer 'POTASSIUM ION' 'K 1'
PGA non-polymer '2-PHOSPHOGLYCOLIC ACID' 'C2 H5 O6 P'
#
# COMPACT_ATOMS: atom_id res chain seq x y z
N SER A 2 28.57 -15.19 -22.29
CA SER A 2 27.23 -15.76 -22.11
C SER A 2 26.36 -14.86 -21.25
N LYS A 3 25.10 -15.26 -21.06
CA LYS A 3 24.15 -14.50 -20.26
C LYS A 3 24.48 -14.58 -18.78
N PRO A 4 24.14 -13.53 -18.02
CA PRO A 4 24.26 -13.58 -16.56
C PRO A 4 23.16 -14.46 -15.96
N GLN A 5 23.15 -14.58 -14.63
CA GLN A 5 22.17 -15.40 -13.93
C GLN A 5 20.74 -14.96 -14.25
N PRO A 6 19.93 -15.88 -14.79
CA PRO A 6 18.53 -15.58 -15.13
C PRO A 6 17.66 -15.37 -13.89
N ILE A 7 16.54 -14.67 -14.07
CA ILE A 7 15.62 -14.41 -12.99
C ILE A 7 14.18 -14.76 -13.37
N ALA A 8 13.51 -15.53 -12.53
CA ALA A 8 12.10 -15.82 -12.70
C ALA A 8 11.30 -15.17 -11.57
N ALA A 9 10.68 -14.03 -11.86
CA ALA A 9 9.98 -13.27 -10.85
C ALA A 9 8.47 -13.47 -10.92
N ALA A 10 7.87 -13.75 -9.76
CA ALA A 10 6.43 -13.95 -9.68
C ALA A 10 5.72 -12.72 -9.10
N ASN A 11 5.14 -11.91 -9.97
CA ASN A 11 4.34 -10.77 -9.51
C ASN A 11 2.90 -11.18 -9.30
N TRP A 12 2.56 -11.45 -8.04
CA TRP A 12 1.21 -11.90 -7.70
C TRP A 12 0.21 -10.76 -7.75
N LYS A 13 0.73 -9.53 -7.84
CA LYS A 13 -0.09 -8.32 -7.85
C LYS A 13 -1.01 -8.27 -6.65
N CYS A 14 -2.19 -7.69 -6.81
CA CYS A 14 -3.16 -7.61 -5.72
C CYS A 14 -4.08 -8.82 -5.72
N ASN A 15 -3.52 -10.00 -5.43
CA ASN A 15 -4.29 -11.24 -5.48
C ASN A 15 -3.89 -12.23 -4.40
N GLY A 16 -4.77 -13.18 -4.13
CA GLY A 16 -4.44 -14.31 -3.29
C GLY A 16 -5.13 -14.38 -1.95
N SER A 17 -5.42 -15.61 -1.52
CA SER A 17 -5.90 -15.85 -0.16
C SER A 17 -4.81 -16.57 0.61
N GLN A 18 -5.00 -16.76 1.91
CA GLN A 18 -4.04 -17.49 2.71
C GLN A 18 -3.94 -18.94 2.24
N GLN A 19 -5.07 -19.52 1.86
CA GLN A 19 -5.11 -20.90 1.42
C GLN A 19 -4.51 -21.08 0.02
N SER A 20 -4.95 -20.25 -0.92
CA SER A 20 -4.51 -20.38 -2.32
C SER A 20 -3.01 -20.15 -2.47
N LEU A 21 -2.49 -19.15 -1.76
CA LEU A 21 -1.08 -18.81 -1.86
C LEU A 21 -0.19 -19.84 -1.17
N SER A 22 -0.66 -20.40 -0.06
CA SER A 22 0.09 -21.42 0.66
C SER A 22 0.21 -22.70 -0.18
N GLU A 23 -0.88 -23.05 -0.86
CA GLU A 23 -0.88 -24.19 -1.79
C GLU A 23 0.16 -24.00 -2.88
N LEU A 24 0.21 -22.79 -3.44
CA LEU A 24 1.15 -22.45 -4.50
C LEU A 24 2.61 -22.44 -4.02
N ILE A 25 2.79 -22.04 -2.77
CA ILE A 25 4.10 -22.03 -2.14
C ILE A 25 4.56 -23.47 -1.89
N ASP A 26 3.63 -24.34 -1.50
CA ASP A 26 3.94 -25.76 -1.32
C ASP A 26 4.44 -26.37 -2.62
N LEU A 27 3.82 -26.00 -3.73
CA LEU A 27 4.23 -26.50 -5.04
C LEU A 27 5.62 -26.00 -5.38
N PHE A 28 5.90 -24.73 -5.08
CA PHE A 28 7.22 -24.15 -5.33
C PHE A 28 8.28 -24.86 -4.50
N ASN A 29 7.96 -25.14 -3.25
CA ASN A 29 8.89 -25.80 -2.34
C ASN A 29 9.25 -27.22 -2.81
N SER A 30 8.28 -27.90 -3.41
CA SER A 30 8.47 -29.28 -3.84
C SER A 30 9.07 -29.36 -5.24
N THR A 31 9.23 -28.20 -5.89
CA THR A 31 9.75 -28.16 -7.25
C THR A 31 11.28 -28.19 -7.27
N SER A 32 11.84 -29.17 -7.95
CA SER A 32 13.29 -29.27 -8.10
C SER A 32 13.78 -28.41 -9.26
N ILE A 33 14.76 -27.55 -8.99
CA ILE A 33 15.31 -26.67 -10.02
C ILE A 33 16.81 -26.95 -10.15
N ASN A 34 17.22 -27.42 -11.32
CA ASN A 34 18.56 -27.95 -11.52
C ASN A 34 19.60 -26.94 -12.01
N HIS A 35 19.16 -25.74 -12.36
CA HIS A 35 20.09 -24.75 -12.91
C HIS A 35 20.13 -23.48 -12.07
N ASP A 36 21.16 -22.66 -12.30
CA ASP A 36 21.35 -21.43 -11.55
C ASP A 36 20.35 -20.36 -12.02
N VAL A 37 19.32 -20.15 -11.22
CA VAL A 37 18.33 -19.13 -11.50
C VAL A 37 17.82 -18.54 -10.18
N GLN A 38 17.67 -17.23 -10.14
CA GLN A 38 17.12 -16.57 -8.97
C GLN A 38 15.61 -16.39 -9.12
N CYS A 39 14.85 -17.18 -8.38
CA CYS A 39 13.39 -17.06 -8.40
C CYS A 39 12.94 -16.06 -7.35
N VAL A 40 11.95 -15.25 -7.69
CA VAL A 40 11.47 -14.21 -6.81
C VAL A 40 9.95 -14.28 -6.65
N VAL A 41 9.48 -14.20 -5.40
CA VAL A 41 8.04 -14.18 -5.14
C VAL A 41 7.64 -12.83 -4.55
N ALA A 42 6.89 -12.06 -5.33
CA ALA A 42 6.42 -10.75 -4.88
C ALA A 42 4.94 -10.80 -4.51
N SER A 43 4.67 -10.95 -3.22
CA SER A 43 3.30 -10.99 -2.73
C SER A 43 2.85 -9.61 -2.29
N THR A 44 1.58 -9.47 -1.93
CA THR A 44 1.10 -8.25 -1.31
C THR A 44 1.77 -8.11 0.05
N PHE A 45 1.76 -6.88 0.58
CA PHE A 45 2.32 -6.61 1.90
C PHE A 45 1.72 -7.52 2.96
N VAL A 46 0.43 -7.80 2.84
CA VAL A 46 -0.32 -8.59 3.80
C VAL A 46 0.21 -10.03 3.88
N HIS A 47 0.61 -10.58 2.75
CA HIS A 47 1.01 -11.97 2.66
C HIS A 47 2.52 -12.17 2.84
N LEU A 48 3.23 -11.09 3.14
CA LEU A 48 4.68 -11.16 3.30
C LEU A 48 5.10 -12.04 4.48
N ALA A 49 4.34 -11.97 5.56
CA ALA A 49 4.64 -12.76 6.75
C ALA A 49 4.45 -14.25 6.49
N MET A 50 3.32 -14.60 5.88
CA MET A 50 3.03 -15.99 5.53
C MET A 50 4.06 -16.54 4.54
N THR A 51 4.41 -15.74 3.54
CA THR A 51 5.38 -16.17 2.54
C THR A 51 6.75 -16.41 3.16
N LYS A 52 7.14 -15.55 4.08
CA LYS A 52 8.42 -15.69 4.76
C LYS A 52 8.52 -17.00 5.52
N GLU A 53 7.45 -17.36 6.21
CA GLU A 53 7.44 -18.55 7.05
C GLU A 53 7.31 -19.84 6.24
N ARG A 54 6.63 -19.77 5.11
CA ARG A 54 6.30 -20.96 4.34
C ARG A 54 7.29 -21.27 3.22
N LEU A 55 7.75 -20.24 2.51
CA LEU A 55 8.67 -20.44 1.40
C LEU A 55 10.02 -20.90 1.91
N SER A 56 10.48 -22.05 1.42
CA SER A 56 11.71 -22.66 1.92
C SER A 56 12.69 -23.06 0.82
N HIS A 57 12.28 -22.92 -0.43
CA HIS A 57 13.13 -23.30 -1.55
C HIS A 57 14.36 -22.40 -1.62
N PRO A 58 15.56 -23.01 -1.67
CA PRO A 58 16.85 -22.31 -1.66
C PRO A 58 17.01 -21.30 -2.80
N LYS A 59 16.39 -21.55 -3.94
CA LYS A 59 16.53 -20.68 -5.09
C LYS A 59 15.39 -19.66 -5.18
N PHE A 60 14.68 -19.47 -4.07
CA PHE A 60 13.60 -18.51 -4.01
C PHE A 60 13.87 -17.41 -2.98
N VAL A 61 13.62 -16.16 -3.37
CA VAL A 61 13.63 -15.04 -2.44
C VAL A 61 12.29 -14.32 -2.51
N ILE A 62 12.04 -13.46 -1.53
CA ILE A 62 10.76 -12.78 -1.41
C ILE A 62 10.90 -11.28 -1.68
N ALA A 63 9.90 -10.72 -2.38
CA ALA A 63 9.93 -9.30 -2.71
C ALA A 63 8.64 -8.60 -2.34
N ALA A 64 8.70 -7.28 -2.22
CA ALA A 64 7.51 -6.45 -2.11
C ALA A 64 7.20 -5.87 -3.49
N GLN A 65 5.97 -5.41 -3.68
CA GLN A 65 5.52 -4.91 -4.97
C GLN A 65 5.63 -3.39 -5.07
N ASN A 66 5.93 -2.76 -3.93
CA ASN A 66 6.03 -1.30 -3.85
C ASN A 66 6.59 -0.87 -2.50
N ALA A 67 7.01 0.39 -2.41
CA ALA A 67 7.38 1.02 -1.14
C ALA A 67 7.57 2.52 -1.35
N ILE A 68 7.59 3.27 -0.26
CA ILE A 68 8.05 4.64 -0.30
C ILE A 68 9.41 4.71 0.40
N ALA A 69 10.12 5.82 0.21
CA ALA A 69 11.51 5.92 0.66
C ALA A 69 11.66 5.84 2.18
N LYS A 70 10.88 6.66 2.90
CA LYS A 70 11.05 6.79 4.35
C LYS A 70 9.77 6.54 5.12
N SER A 71 9.92 6.08 6.36
CA SER A 71 8.80 5.98 7.28
C SER A 71 8.32 7.37 7.68
N GLY A 72 7.06 7.48 8.08
CA GLY A 72 6.51 8.77 8.48
C GLY A 72 5.01 8.88 8.32
N ALA A 73 4.52 10.12 8.24
CA ALA A 73 3.09 10.38 8.18
C ALA A 73 2.54 10.15 6.78
N PHE A 74 2.46 8.89 6.39
CA PHE A 74 1.97 8.52 5.07
C PHE A 74 1.01 7.34 5.18
N THR A 75 -0.17 7.62 5.75
CA THR A 75 -1.19 6.60 6.03
C THR A 75 -1.47 5.70 4.82
N GLY A 76 -1.40 4.39 5.04
CA GLY A 76 -1.71 3.43 4.00
C GLY A 76 -0.49 2.86 3.30
N GLU A 77 0.61 3.58 3.34
CA GLU A 77 1.82 3.18 2.62
C GLU A 77 2.79 2.36 3.47
N VAL A 78 3.74 1.72 2.80
CA VAL A 78 4.79 0.95 3.46
C VAL A 78 6.15 1.48 3.05
N SER A 79 7.05 1.68 4.02
CA SER A 79 8.36 2.23 3.73
C SER A 79 9.44 1.17 3.61
N LEU A 80 10.57 1.56 3.04
CA LEU A 80 11.73 0.68 2.89
C LEU A 80 12.35 0.20 4.23
N PRO A 81 12.47 1.10 5.23
CA PRO A 81 13.00 0.59 6.50
C PRO A 81 12.10 -0.47 7.13
N ILE A 82 10.79 -0.34 6.95
CA ILE A 82 9.84 -1.31 7.46
C ILE A 82 10.05 -2.67 6.79
N LEU A 83 10.25 -2.66 5.49
CA LEU A 83 10.50 -3.88 4.73
C LEU A 83 11.85 -4.50 5.11
N LYS A 84 12.86 -3.64 5.28
CA LYS A 84 14.19 -4.09 5.64
C LYS A 84 14.19 -4.75 7.02
N ASP A 85 13.50 -4.11 7.97
CA ASP A 85 13.34 -4.66 9.31
C ASP A 85 12.56 -5.98 9.26
N PHE A 86 11.68 -6.12 8.28
CA PHE A 86 10.85 -7.30 8.15
C PHE A 86 11.55 -8.42 7.40
N GLY A 87 12.79 -8.16 6.98
CA GLY A 87 13.60 -9.19 6.34
C GLY A 87 13.36 -9.33 4.84
N VAL A 88 12.70 -8.35 4.24
CA VAL A 88 12.47 -8.36 2.80
C VAL A 88 13.57 -7.57 2.09
N ASN A 89 14.30 -8.24 1.20
CA ASN A 89 15.47 -7.64 0.57
C ASN A 89 15.32 -7.44 -0.94
N TRP A 90 14.19 -7.87 -1.50
CA TRP A 90 13.90 -7.65 -2.91
C TRP A 90 12.66 -6.79 -3.07
N ILE A 91 12.57 -6.08 -4.19
CA ILE A 91 11.42 -5.21 -4.42
C ILE A 91 11.18 -4.90 -5.89
N VAL A 92 9.91 -4.85 -6.27
CA VAL A 92 9.51 -4.41 -7.60
C VAL A 92 9.10 -2.94 -7.53
N LEU A 93 9.68 -2.11 -8.39
CA LEU A 93 9.39 -0.68 -8.37
C LEU A 93 9.07 -0.14 -9.76
N GLY A 94 8.18 0.83 -9.81
CA GLY A 94 7.83 1.49 -11.05
C GLY A 94 7.04 0.65 -12.02
N HIS A 95 6.26 -0.30 -11.49
CA HIS A 95 5.40 -1.14 -12.31
C HIS A 95 4.42 -0.27 -13.10
N SER A 96 4.12 -0.70 -14.32
CA SER A 96 3.28 0.08 -15.25
C SER A 96 1.94 0.46 -14.64
N GLU A 97 1.40 -0.40 -13.77
CA GLU A 97 0.12 -0.13 -13.14
C GLU A 97 0.24 1.00 -12.12
N ARG A 98 1.39 1.11 -11.47
CA ARG A 98 1.61 2.19 -10.52
C ARG A 98 1.91 3.50 -11.25
N ARG A 99 2.60 3.39 -12.37
CA ARG A 99 2.84 4.56 -13.23
C ARG A 99 1.53 5.09 -13.79
N ALA A 100 0.60 4.19 -14.07
CA ALA A 100 -0.69 4.56 -14.65
C ALA A 100 -1.71 5.02 -13.61
N TYR A 101 -1.86 4.24 -12.54
CA TYR A 101 -2.93 4.47 -11.58
C TYR A 101 -2.54 5.39 -10.41
N TYR A 102 -1.29 5.29 -9.96
CA TYR A 102 -0.93 5.90 -8.68
C TYR A 102 0.16 6.97 -8.78
N GLY A 103 0.12 7.72 -9.88
CA GLY A 103 0.92 8.93 -10.03
C GLY A 103 2.42 8.79 -9.98
N GLU A 104 2.94 7.61 -10.30
CA GLU A 104 4.38 7.40 -10.27
C GLU A 104 5.04 7.79 -11.59
N THR A 105 5.61 8.98 -11.61
CA THR A 105 6.30 9.51 -12.78
C THR A 105 7.67 8.86 -12.94
N ASN A 106 8.37 9.20 -14.02
CA ASN A 106 9.72 8.70 -14.25
C ASN A 106 10.67 9.05 -13.11
N GLU A 107 10.50 10.25 -12.55
CA GLU A 107 11.37 10.74 -11.50
C GLU A 107 11.01 10.14 -10.14
N ILE A 108 9.72 9.95 -9.90
CA ILE A 108 9.25 9.33 -8.66
C ILE A 108 9.74 7.89 -8.58
N VAL A 109 9.67 7.19 -9.71
CA VAL A 109 10.20 5.84 -9.79
C VAL A 109 11.71 5.84 -9.53
N ALA A 110 12.40 6.80 -10.14
CA ALA A 110 13.85 6.92 -10.00
C ALA A 110 14.26 7.15 -8.55
N ASP A 111 13.50 7.98 -7.84
CA ASP A 111 13.80 8.29 -6.44
C ASP A 111 13.61 7.06 -5.55
N LYS A 112 12.54 6.31 -5.80
CA LYS A 112 12.28 5.08 -5.05
C LYS A 112 13.38 4.05 -5.26
N VAL A 113 13.78 3.87 -6.51
CA VAL A 113 14.82 2.91 -6.87
C VAL A 113 16.14 3.24 -6.20
N ALA A 114 16.55 4.51 -6.29
CA ALA A 114 17.79 4.96 -5.67
C ALA A 114 17.73 4.80 -4.16
N ALA A 115 16.57 5.07 -3.57
CA ALA A 115 16.39 4.91 -2.13
C ALA A 115 16.48 3.45 -1.74
N ALA A 116 15.92 2.58 -2.58
CA ALA A 116 15.93 1.14 -2.31
C ALA A 116 17.34 0.57 -2.40
N VAL A 117 18.08 0.98 -3.43
CA VAL A 117 19.46 0.55 -3.60
C VAL A 117 20.33 1.02 -2.43
N ALA A 118 20.16 2.28 -2.04
CA ALA A 118 20.90 2.85 -0.92
C ALA A 118 20.61 2.09 0.36
N SER A 119 19.41 1.56 0.47
CA SER A 119 19.00 0.78 1.63
C SER A 119 19.49 -0.67 1.53
N GLY A 120 20.06 -1.02 0.38
CA GLY A 120 20.66 -2.33 0.20
C GLY A 120 19.77 -3.34 -0.50
N PHE A 121 18.65 -2.88 -1.06
CA PHE A 121 17.72 -3.76 -1.75
C PHE A 121 18.22 -4.21 -3.11
N MET A 122 17.83 -5.41 -3.52
CA MET A 122 17.90 -5.81 -4.92
C MET A 122 16.62 -5.31 -5.59
N VAL A 123 16.75 -4.55 -6.66
CA VAL A 123 15.60 -3.87 -7.24
C VAL A 123 15.26 -4.32 -8.64
N ILE A 124 14.00 -4.70 -8.85
CA ILE A 124 13.49 -4.93 -10.19
C ILE A 124 12.75 -3.68 -10.65
N ALA A 125 13.45 -2.84 -11.41
CA ALA A 125 12.89 -1.60 -11.91
C ALA A 125 12.16 -1.85 -13.24
N CYS A 126 10.91 -1.40 -13.31
CA CYS A 126 10.07 -1.66 -14.48
C CYS A 126 9.98 -0.46 -15.41
N ILE A 127 10.12 -0.73 -16.72
CA ILE A 127 9.91 0.29 -17.75
C ILE A 127 9.11 -0.32 -18.90
N GLY A 128 8.63 0.52 -19.81
CA GLY A 128 7.86 0.05 -20.95
C GLY A 128 6.91 1.10 -21.48
N GLU A 129 6.56 1.00 -22.77
CA GLU A 129 5.71 1.99 -23.41
C GLU A 129 4.30 1.47 -23.65
N THR A 130 3.33 2.38 -23.69
CA THR A 130 1.94 2.03 -23.92
C THR A 130 1.66 1.83 -25.41
N LEU A 131 0.42 1.46 -25.73
CA LEU A 131 0.00 1.27 -27.11
C LEU A 131 0.02 2.59 -27.88
N GLN A 132 -0.47 3.64 -27.23
CA GLN A 132 -0.46 4.99 -27.80
C GLN A 132 0.96 5.42 -28.16
N GLU A 133 1.90 5.15 -27.24
CA GLU A 133 3.28 5.56 -27.43
C GLU A 133 3.98 4.75 -28.51
N ARG A 134 3.68 3.45 -28.58
CA ARG A 134 4.27 2.60 -29.61
C ARG A 134 3.71 2.92 -30.99
N GLU A 135 2.40 3.08 -31.08
CA GLU A 135 1.74 3.35 -32.35
C GLU A 135 2.11 4.73 -32.90
N SER A 136 2.51 5.63 -32.01
CA SER A 136 2.96 6.97 -32.43
C SER A 136 4.46 6.96 -32.71
N GLY A 137 5.06 5.77 -32.74
CA GLY A 137 6.46 5.61 -33.07
C GLY A 137 7.39 6.15 -32.00
N ARG A 138 6.97 6.07 -30.74
CA ARG A 138 7.75 6.65 -29.65
C ARG A 138 8.22 5.60 -28.64
N THR A 139 8.37 4.35 -29.09
CA THR A 139 8.85 3.29 -28.22
C THR A 139 10.23 3.61 -27.66
N ALA A 140 11.15 3.98 -28.54
CA ALA A 140 12.54 4.22 -28.15
C ALA A 140 12.67 5.40 -27.19
N VAL A 141 12.08 6.53 -27.53
CA VAL A 141 12.21 7.73 -26.71
C VAL A 141 11.61 7.53 -25.32
N VAL A 142 10.49 6.83 -25.25
CA VAL A 142 9.82 6.59 -23.97
C VAL A 142 10.66 5.70 -23.06
N VAL A 143 11.05 4.53 -23.54
CA VAL A 143 11.78 3.58 -22.71
C VAL A 143 13.17 4.08 -22.33
N LEU A 144 13.80 4.84 -23.21
CA LEU A 144 15.13 5.38 -22.92
C LEU A 144 15.03 6.54 -21.94
N THR A 145 13.97 7.32 -22.04
CA THR A 145 13.71 8.40 -21.09
C THR A 145 13.46 7.81 -19.70
N GLN A 146 12.74 6.70 -19.66
CA GLN A 146 12.41 6.04 -18.40
C GLN A 146 13.65 5.53 -17.68
N ILE A 147 14.56 4.88 -18.41
CA ILE A 147 15.76 4.33 -17.78
C ILE A 147 16.80 5.42 -17.55
N ALA A 148 16.75 6.49 -18.34
CA ALA A 148 17.66 7.62 -18.15
C ALA A 148 17.37 8.31 -16.84
N ALA A 149 16.10 8.42 -16.49
CA ALA A 149 15.69 9.05 -15.25
C ALA A 149 16.17 8.24 -14.05
N ILE A 150 16.06 6.93 -14.14
CA ILE A 150 16.54 6.04 -13.09
C ILE A 150 18.05 6.13 -12.92
N ALA A 151 18.77 6.11 -14.04
CA ALA A 151 20.23 6.16 -14.03
C ALA A 151 20.76 7.46 -13.45
N LYS A 152 19.98 8.52 -13.60
CA LYS A 152 20.38 9.84 -13.11
C LYS A 152 20.59 9.85 -11.60
N LYS A 153 19.87 9.00 -10.90
CA LYS A 153 19.97 8.93 -9.44
C LYS A 153 20.84 7.77 -8.97
N LEU A 154 21.52 7.11 -9.90
CA LEU A 154 22.36 5.97 -9.56
C LEU A 154 23.81 6.18 -9.93
N LYS A 155 24.70 5.47 -9.24
CA LYS A 155 26.10 5.41 -9.62
C LYS A 155 26.38 4.08 -10.30
N LYS A 156 27.53 3.97 -10.97
CA LYS A 156 27.85 2.78 -11.73
C LYS A 156 27.85 1.51 -10.88
N ALA A 157 28.31 1.63 -9.64
CA ALA A 157 28.38 0.48 -8.73
C ALA A 157 27.00 0.01 -8.28
N ASP A 158 26.01 0.91 -8.35
CA ASP A 158 24.66 0.60 -7.88
C ASP A 158 23.94 -0.38 -8.79
N TRP A 159 24.37 -0.47 -10.05
CA TRP A 159 23.70 -1.32 -11.03
C TRP A 159 23.87 -2.81 -10.74
N ALA A 160 24.76 -3.14 -9.81
CA ALA A 160 24.92 -4.52 -9.38
C ALA A 160 23.70 -4.99 -8.61
N LYS A 161 22.95 -4.03 -8.08
CA LYS A 161 21.75 -4.33 -7.30
C LYS A 161 20.48 -4.11 -8.09
N VAL A 162 20.63 -3.70 -9.35
CA VAL A 162 19.49 -3.31 -10.18
C VAL A 162 19.15 -4.36 -11.24
N VAL A 163 17.86 -4.62 -11.40
CA VAL A 163 17.35 -5.46 -12.47
C VAL A 163 16.33 -4.67 -13.28
N ILE A 164 16.40 -4.76 -14.60
CA ILE A 164 15.46 -4.05 -15.46
C ILE A 164 14.39 -5.00 -16.01
N ALA A 165 13.13 -4.61 -15.87
CA ALA A 165 12.04 -5.38 -16.44
C ALA A 165 11.32 -4.56 -17.51
N TYR A 166 11.32 -5.07 -18.74
CA TYR A 166 10.60 -4.40 -19.82
C TYR A 166 9.16 -4.89 -19.92
N GLU A 167 8.22 -4.00 -19.67
CA GLU A 167 6.80 -4.31 -19.80
C GLU A 167 6.25 -3.87 -21.15
N PRO A 168 5.87 -4.82 -22.01
CA PRO A 168 5.16 -4.43 -23.23
C PRO A 168 3.74 -4.02 -22.91
N VAL A 169 3.58 -2.84 -22.31
CA VAL A 169 2.29 -2.33 -21.88
C VAL A 169 1.30 -2.27 -23.04
N TRP A 170 1.84 -2.05 -24.24
CA TRP A 170 1.05 -2.01 -25.46
C TRP A 170 0.35 -3.33 -25.76
N ALA A 171 0.77 -4.40 -25.08
CA ALA A 171 0.18 -5.71 -25.27
C ALA A 171 -0.58 -6.20 -24.03
N ALA A 172 -0.78 -5.30 -23.08
CA ALA A 172 -1.46 -5.65 -21.83
C ALA A 172 -2.96 -5.38 -21.90
N GLY A 173 -3.73 -6.40 -22.26
CA GLY A 173 -5.18 -6.28 -22.36
C GLY A 173 -5.63 -5.41 -23.51
N THR A 174 -4.74 -5.17 -24.46
CA THR A 174 -5.04 -4.30 -25.59
C THR A 174 -5.51 -5.10 -26.80
N GLY A 175 -5.29 -6.41 -26.77
CA GLY A 175 -5.61 -7.26 -27.90
C GLY A 175 -4.38 -7.58 -28.71
N LYS A 176 -3.32 -6.83 -28.45
CA LYS A 176 -2.04 -7.03 -29.15
C LYS A 176 -1.24 -8.17 -28.53
N VAL A 177 -0.32 -8.72 -29.32
CA VAL A 177 0.54 -9.81 -28.87
C VAL A 177 1.99 -9.55 -29.27
N ALA A 178 2.88 -9.55 -28.28
CA ALA A 178 4.29 -9.31 -28.54
C ALA A 178 4.96 -10.56 -29.10
N THR A 179 5.72 -10.39 -30.18
CA THR A 179 6.49 -11.48 -30.75
C THR A 179 7.86 -11.53 -30.08
N PRO A 180 8.53 -12.68 -30.13
CA PRO A 180 9.90 -12.77 -29.61
C PRO A 180 10.83 -11.74 -30.22
N GLN A 181 10.62 -11.42 -31.49
CA GLN A 181 11.44 -10.43 -32.19
C GLN A 181 11.20 -9.03 -31.66
N GLN A 182 9.94 -8.71 -31.36
CA GLN A 182 9.59 -7.40 -30.83
C GLN A 182 10.14 -7.21 -29.43
N ALA A 183 10.13 -8.28 -28.63
CA ALA A 183 10.67 -8.25 -27.29
C ALA A 183 12.19 -8.06 -27.33
N GLN A 184 12.85 -8.83 -28.19
CA GLN A 184 14.29 -8.75 -28.35
C GLN A 184 14.76 -7.36 -28.77
N GLU A 185 14.01 -6.76 -29.69
CA GLU A 185 14.33 -5.42 -30.18
C GLU A 185 14.30 -4.40 -29.04
N ALA A 186 13.33 -4.53 -28.14
CA ALA A 186 13.21 -3.64 -27.01
C ALA A 186 14.34 -3.87 -26.02
N HIS A 187 14.65 -5.14 -25.76
CA HIS A 187 15.73 -5.50 -24.83
C HIS A 187 17.10 -5.05 -25.34
N ALA A 188 17.34 -5.26 -26.64
CA ALA A 188 18.60 -4.89 -27.25
C ALA A 188 18.79 -3.37 -27.21
N LEU A 189 17.70 -2.64 -27.38
CA LEU A 189 17.72 -1.18 -27.31
C LEU A 189 18.14 -0.71 -25.91
N ILE A 190 17.55 -1.30 -24.89
CA ILE A 190 17.90 -1.00 -23.50
C ILE A 190 19.35 -1.35 -23.22
N ARG A 191 19.76 -2.53 -23.71
CA ARG A 191 21.13 -3.00 -23.55
C ARG A 191 22.13 -2.03 -24.16
N SER A 192 21.81 -1.55 -25.36
CA SER A 192 22.68 -0.62 -26.09
C SER A 192 22.87 0.68 -25.33
N TRP A 193 21.78 1.18 -24.74
CA TRP A 193 21.83 2.43 -23.99
C TRP A 193 22.71 2.31 -22.76
N VAL A 194 22.52 1.24 -22.00
CA VAL A 194 23.29 0.99 -20.79
C VAL A 194 24.79 0.88 -21.10
N SER A 195 25.10 0.22 -22.21
CA SER A 195 26.49 0.02 -22.62
C SER A 195 27.19 1.36 -22.88
N SER A 196 26.51 2.25 -23.60
CA SER A 196 27.11 3.53 -23.99
C SER A 196 27.00 4.59 -22.91
N LYS A 197 26.03 4.46 -22.02
CA LYS A 197 25.79 5.49 -21.01
C LYS A 197 26.35 5.12 -19.64
N ILE A 198 26.38 3.83 -19.34
CA ILE A 198 26.86 3.38 -18.03
C ILE A 198 28.17 2.59 -18.16
N GLY A 199 28.20 1.64 -19.10
CA GLY A 199 29.38 0.82 -19.32
C GLY A 199 29.07 -0.52 -19.93
N ALA A 200 29.96 -0.99 -20.80
CA ALA A 200 29.80 -2.29 -21.44
C ALA A 200 29.87 -3.42 -20.40
N ASP A 201 30.66 -3.19 -19.36
CA ASP A 201 30.76 -4.13 -18.26
C ASP A 201 29.43 -4.29 -17.55
N VAL A 202 28.79 -3.17 -17.24
CA VAL A 202 27.50 -3.16 -16.58
C VAL A 202 26.42 -3.78 -17.46
N ALA A 203 26.43 -3.40 -18.74
CA ALA A 203 25.45 -3.90 -19.70
C ALA A 203 25.53 -5.42 -19.84
N GLY A 204 26.74 -5.97 -19.77
CA GLY A 204 26.93 -7.40 -19.88
C GLY A 204 26.44 -8.16 -18.67
N GLU A 205 26.39 -7.50 -17.52
CA GLU A 205 25.97 -8.14 -16.28
C GLU A 205 24.50 -7.87 -15.95
N LEU A 206 23.92 -6.87 -16.62
CA LEU A 206 22.55 -6.45 -16.34
C LEU A 206 21.53 -7.49 -16.78
N ARG A 207 20.64 -7.85 -15.87
CA ARG A 207 19.52 -8.72 -16.21
C ARG A 207 18.36 -7.88 -16.74
N ILE A 208 17.96 -8.15 -17.99
CA ILE A 208 16.79 -7.50 -18.55
C ILE A 208 15.67 -8.53 -18.68
N LEU A 209 14.66 -8.39 -17.84
CA LEU A 209 13.56 -9.36 -17.78
C LEU A 209 12.41 -8.95 -18.67
N TYR A 210 11.79 -9.93 -19.33
CA TYR A 210 10.59 -9.70 -20.11
C TYR A 210 9.37 -9.73 -19.18
N GLY A 211 8.60 -8.64 -19.17
CA GLY A 211 7.49 -8.50 -18.26
C GLY A 211 6.12 -8.59 -18.91
N GLY A 212 6.04 -9.32 -20.02
CA GLY A 212 4.78 -9.49 -20.72
C GLY A 212 4.13 -10.84 -20.43
N SER A 213 2.96 -11.07 -21.00
CA SER A 213 2.24 -12.31 -20.81
C SER A 213 3.02 -13.50 -21.37
N VAL A 214 3.21 -14.53 -20.54
CA VAL A 214 3.94 -15.72 -20.96
C VAL A 214 3.30 -17.00 -20.43
N ASN A 215 3.44 -18.08 -21.22
CA ASN A 215 3.16 -19.41 -20.72
C ASN A 215 4.43 -20.25 -20.85
N GLY A 216 4.35 -21.54 -20.54
CA GLY A 216 5.51 -22.41 -20.61
C GLY A 216 6.16 -22.46 -21.97
N LYS A 217 5.34 -22.50 -23.02
CA LYS A 217 5.83 -22.65 -24.38
C LYS A 217 6.54 -21.40 -24.91
N ASN A 218 5.85 -20.26 -24.87
CA ASN A 218 6.40 -19.05 -25.48
C ASN A 218 7.54 -18.46 -24.67
N ALA A 219 7.62 -18.84 -23.38
CA ALA A 219 8.72 -18.38 -22.54
C ALA A 219 10.03 -19.04 -22.95
N ARG A 220 9.97 -20.30 -23.38
CA ARG A 220 11.15 -20.99 -23.87
C ARG A 220 11.68 -20.29 -25.12
N THR A 221 10.77 -19.92 -26.01
CA THR A 221 11.12 -19.22 -27.24
C THR A 221 11.67 -17.83 -26.93
N LEU A 222 11.03 -17.13 -26.00
CA LEU A 222 11.45 -15.79 -25.62
C LEU A 222 12.83 -15.79 -24.96
N TYR A 223 13.16 -16.84 -24.22
CA TYR A 223 14.45 -16.89 -23.53
C TYR A 223 15.58 -17.21 -24.51
N GLN A 224 15.23 -17.68 -25.70
CA GLN A 224 16.22 -17.93 -26.74
C GLN A 224 16.82 -16.62 -27.26
N GLN A 225 16.09 -15.53 -27.08
CA GLN A 225 16.54 -14.23 -27.55
C GLN A 225 17.79 -13.77 -26.80
N ARG A 226 18.67 -13.07 -27.53
CA ARG A 226 19.98 -12.68 -27.03
C ARG A 226 19.93 -11.84 -25.75
N ASP A 227 18.99 -10.92 -25.67
CA ASP A 227 18.98 -9.97 -24.55
C ASP A 227 17.82 -10.20 -23.57
N VAL A 228 17.29 -11.41 -23.56
CA VAL A 228 16.28 -11.77 -22.56
C VAL A 228 16.93 -12.59 -21.45
N ASN A 229 16.84 -12.09 -20.22
CA ASN A 229 17.51 -12.72 -19.09
C ASN A 229 16.54 -13.27 -18.05
N GLY A 230 15.32 -13.56 -18.47
CA GLY A 230 14.32 -14.08 -17.56
C GLY A 230 12.97 -13.41 -17.72
N PHE A 231 12.12 -13.54 -16.71
CA PHE A 231 10.75 -13.08 -16.82
C PHE A 231 10.19 -12.47 -15.53
N ALA A 232 9.50 -11.35 -15.68
CA ALA A 232 8.69 -10.80 -14.61
C ALA A 232 7.23 -11.12 -14.93
N VAL A 233 6.75 -12.22 -14.35
CA VAL A 233 5.46 -12.80 -14.74
C VAL A 233 4.28 -12.24 -13.96
N GLY A 234 3.20 -11.94 -14.68
CA GLY A 234 1.98 -11.47 -14.05
C GLY A 234 1.03 -12.61 -13.71
N GLY A 235 -0.02 -12.76 -14.51
CA GLY A 235 -1.09 -13.71 -14.23
C GLY A 235 -0.68 -15.16 -14.08
N ALA A 236 0.27 -15.60 -14.92
CA ALA A 236 0.71 -16.98 -14.90
C ALA A 236 1.48 -17.33 -13.62
N SER A 237 1.90 -16.32 -12.87
CA SER A 237 2.68 -16.55 -11.65
C SER A 237 1.79 -16.99 -10.48
N LEU A 238 0.48 -16.91 -10.66
CA LEU A 238 -0.46 -17.38 -9.65
C LEU A 238 -0.91 -18.81 -9.96
N LYS A 239 -0.28 -19.40 -10.98
CA LYS A 239 -0.65 -20.74 -11.43
C LYS A 239 0.54 -21.69 -11.35
N PRO A 240 0.28 -23.01 -11.34
CA PRO A 240 1.35 -24.00 -11.43
C PRO A 240 2.21 -23.82 -12.68
N GLU A 241 1.66 -23.16 -13.69
CA GLU A 241 2.37 -22.85 -14.94
C GLU A 241 3.69 -22.12 -14.70
N PHE A 242 3.78 -21.39 -13.59
CA PHE A 242 4.98 -20.61 -13.27
C PHE A 242 6.21 -21.51 -13.14
N VAL A 243 6.00 -22.76 -12.76
CA VAL A 243 7.08 -23.74 -12.71
C VAL A 243 7.68 -23.95 -14.09
N ASP A 244 6.82 -24.03 -15.11
CA ASP A 244 7.27 -24.17 -16.49
C ASP A 244 8.06 -22.94 -16.94
N ILE A 245 7.67 -21.78 -16.44
CA ILE A 245 8.34 -20.54 -16.79
C ILE A 245 9.75 -20.52 -16.18
N ILE A 246 9.88 -21.07 -14.99
CA ILE A 246 11.20 -21.24 -14.37
C ILE A 246 12.07 -22.14 -15.23
N LYS A 247 11.51 -23.25 -15.67
CA LYS A 247 12.25 -24.20 -16.51
C LYS A 247 12.61 -23.60 -17.87
N ALA A 248 11.85 -22.59 -18.28
CA ALA A 248 12.08 -21.93 -19.57
C ALA A 248 13.40 -21.16 -19.60
N THR A 249 13.95 -20.90 -18.42
CA THR A 249 15.24 -20.22 -18.29
C THR A 249 16.37 -21.22 -18.19
N GLN A 250 16.07 -22.46 -18.58
CA GLN A 250 16.97 -23.62 -18.64
C GLN A 250 16.88 -24.46 -17.37
N SER B 2 -26.95 10.98 26.56
CA SER B 2 -25.88 9.98 26.62
C SER B 2 -25.17 9.85 25.27
N LYS B 3 -23.89 9.51 25.32
CA LYS B 3 -23.10 9.32 24.11
C LYS B 3 -23.09 7.86 23.68
N PRO B 4 -22.93 7.61 22.37
CA PRO B 4 -22.70 6.25 21.90
C PRO B 4 -21.33 5.74 22.35
N GLN B 5 -21.04 4.46 22.13
CA GLN B 5 -19.77 3.88 22.54
C GLN B 5 -18.59 4.63 21.96
N PRO B 6 -17.67 5.09 22.83
CA PRO B 6 -16.49 5.84 22.39
C PRO B 6 -15.48 4.96 21.67
N ILE B 7 -14.61 5.58 20.88
CA ILE B 7 -13.57 4.86 20.14
C ILE B 7 -12.22 5.53 20.30
N ALA B 8 -11.21 4.73 20.65
CA ALA B 8 -9.83 5.20 20.69
C ALA B 8 -9.03 4.52 19.59
N ALA B 9 -8.81 5.24 18.49
CA ALA B 9 -8.17 4.66 17.32
C ALA B 9 -6.70 5.03 17.23
N ALA B 10 -5.85 4.01 17.15
CA ALA B 10 -4.41 4.22 17.00
C ALA B 10 -4.00 4.09 15.54
N ASN B 11 -3.65 5.22 14.93
CA ASN B 11 -3.13 5.22 13.56
C ASN B 11 -1.61 5.33 13.58
N TRP B 12 -0.94 4.19 13.46
CA TRP B 12 0.51 4.15 13.48
C TRP B 12 1.11 4.71 12.19
N LYS B 13 0.24 4.90 11.19
CA LYS B 13 0.65 5.37 9.87
C LYS B 13 1.76 4.49 9.30
N CYS B 14 2.69 5.08 8.57
CA CYS B 14 3.79 4.32 7.98
C CYS B 14 5.00 4.31 8.91
N ASN B 15 4.85 3.62 10.03
CA ASN B 15 5.89 3.60 11.06
C ASN B 15 6.01 2.27 11.78
N GLY B 16 7.10 2.11 12.52
CA GLY B 16 7.25 0.98 13.42
C GLY B 16 8.12 -0.16 12.92
N SER B 17 8.83 -0.79 13.86
CA SER B 17 9.56 -2.02 13.58
C SER B 17 8.85 -3.16 14.29
N GLN B 18 9.31 -4.38 14.05
CA GLN B 18 8.73 -5.55 14.71
C GLN B 18 8.91 -5.46 16.22
N GLN B 19 10.04 -4.88 16.64
CA GLN B 19 10.36 -4.77 18.06
C GLN B 19 9.56 -3.64 18.74
N SER B 20 9.60 -2.46 18.16
CA SER B 20 8.97 -1.28 18.77
C SER B 20 7.45 -1.45 18.88
N LEU B 21 6.84 -2.02 17.84
CA LEU B 21 5.40 -2.24 17.84
C LEU B 21 5.02 -3.37 18.80
N SER B 22 5.94 -4.32 18.97
CA SER B 22 5.72 -5.41 19.92
C SER B 22 5.64 -4.91 21.36
N GLU B 23 6.47 -3.91 21.67
CA GLU B 23 6.48 -3.33 23.01
C GLU B 23 5.21 -2.54 23.27
N LEU B 24 4.72 -1.84 22.26
CA LEU B 24 3.45 -1.12 22.36
C LEU B 24 2.31 -2.06 22.63
N ILE B 25 2.29 -3.17 21.90
CA ILE B 25 1.24 -4.18 22.04
C ILE B 25 1.27 -4.81 23.44
N ASP B 26 2.47 -5.10 23.93
CA ASP B 26 2.63 -5.68 25.26
C ASP B 26 2.07 -4.76 26.34
N LEU B 27 2.28 -3.46 26.16
CA LEU B 27 1.72 -2.47 27.07
C LEU B 27 0.21 -2.43 26.98
N PHE B 28 -0.31 -2.45 25.75
CA PHE B 28 -1.76 -2.46 25.53
C PHE B 28 -2.39 -3.67 26.18
N ASN B 29 -1.77 -4.83 26.01
CA ASN B 29 -2.28 -6.08 26.58
C ASN B 29 -2.34 -6.05 28.10
N SER B 30 -1.40 -5.35 28.72
CA SER B 30 -1.33 -5.30 30.18
C SER B 30 -2.15 -4.15 30.75
N THR B 31 -2.79 -3.38 29.87
CA THR B 31 -3.56 -2.23 30.30
C THR B 31 -5.00 -2.60 30.64
N SER B 32 -5.39 -2.34 31.88
CA SER B 32 -6.76 -2.61 32.31
C SER B 32 -7.70 -1.49 31.89
N ILE B 33 -8.70 -1.85 31.08
CA ILE B 33 -9.68 -0.89 30.62
C ILE B 33 -11.06 -1.25 31.17
N ASN B 34 -11.57 -0.41 32.06
CA ASN B 34 -12.78 -0.72 32.79
C ASN B 34 -14.06 -0.34 32.05
N HIS B 35 -14.05 0.83 31.42
CA HIS B 35 -15.26 1.35 30.77
C HIS B 35 -15.45 0.78 29.37
N ASP B 36 -16.64 0.98 28.81
CA ASP B 36 -16.96 0.50 27.47
C ASP B 36 -16.35 1.42 26.42
N VAL B 37 -15.38 0.90 25.67
CA VAL B 37 -14.75 1.67 24.61
C VAL B 37 -14.12 0.72 23.59
N GLN B 38 -14.34 1.02 22.31
CA GLN B 38 -13.74 0.22 21.24
C GLN B 38 -12.39 0.79 20.86
N CYS B 39 -11.33 0.08 21.23
CA CYS B 39 -9.97 0.49 20.89
C CYS B 39 -9.57 -0.12 19.55
N VAL B 40 -8.92 0.69 18.71
CA VAL B 40 -8.55 0.25 17.37
C VAL B 40 -7.07 0.50 17.09
N VAL B 41 -6.40 -0.51 16.55
CA VAL B 41 -5.00 -0.38 16.15
C VAL B 41 -4.85 -0.58 14.65
N ALA B 42 -4.51 0.51 13.95
CA ALA B 42 -4.33 0.45 12.51
C ALA B 42 -2.85 0.47 12.15
N SER B 43 -2.27 -0.72 11.97
CA SER B 43 -0.87 -0.85 11.58
C SER B 43 -0.73 -0.88 10.07
N THR B 44 0.50 -0.87 9.58
CA THR B 44 0.75 -1.05 8.16
C THR B 44 0.33 -2.45 7.75
N PHE B 45 0.13 -2.66 6.46
CA PHE B 45 -0.21 -3.97 5.92
C PHE B 45 0.79 -5.04 6.37
N VAL B 46 2.07 -4.66 6.40
CA VAL B 46 3.15 -5.58 6.75
C VAL B 46 3.03 -6.11 8.18
N HIS B 47 2.61 -5.26 9.09
CA HIS B 47 2.57 -5.60 10.51
C HIS B 47 1.23 -6.16 10.98
N LEU B 48 0.32 -6.38 10.04
CA LEU B 48 -1.01 -6.90 10.39
C LEU B 48 -0.93 -8.28 11.01
N ALA B 49 -0.06 -9.13 10.46
CA ALA B 49 0.08 -10.50 10.94
C ALA B 49 0.61 -10.56 12.37
N MET B 50 1.65 -9.78 12.65
CA MET B 50 2.26 -9.78 13.97
C MET B 50 1.32 -9.15 15.00
N THR B 51 0.44 -8.28 14.53
CA THR B 51 -0.52 -7.62 15.43
C THR B 51 -1.66 -8.59 15.76
N LYS B 52 -2.11 -9.35 14.77
CA LYS B 52 -3.15 -10.35 14.98
C LYS B 52 -2.70 -11.41 15.97
N GLU B 53 -1.41 -11.73 15.94
CA GLU B 53 -0.87 -12.79 16.78
C GLU B 53 -0.65 -12.33 18.23
N ARG B 54 -0.09 -11.14 18.40
CA ARG B 54 0.32 -10.72 19.73
C ARG B 54 -0.71 -9.86 20.48
N LEU B 55 -1.52 -9.10 19.74
CA LEU B 55 -2.55 -8.29 20.38
C LEU B 55 -3.70 -9.18 20.84
N SER B 56 -3.99 -9.17 22.13
CA SER B 56 -4.98 -10.07 22.71
C SER B 56 -5.99 -9.36 23.61
N HIS B 57 -5.82 -8.05 23.79
CA HIS B 57 -6.72 -7.28 24.64
C HIS B 57 -8.14 -7.29 24.06
N PRO B 58 -9.12 -7.71 24.87
CA PRO B 58 -10.51 -7.94 24.45
C PRO B 58 -11.22 -6.70 23.90
N LYS B 59 -10.76 -5.51 24.26
CA LYS B 59 -11.40 -4.28 23.79
C LYS B 59 -10.65 -3.67 22.62
N PHE B 60 -9.74 -4.43 22.03
CA PHE B 60 -8.97 -3.96 20.88
C PHE B 60 -9.33 -4.72 19.61
N VAL B 61 -9.48 -3.98 18.51
CA VAL B 61 -9.63 -4.58 17.19
C VAL B 61 -8.58 -4.02 16.25
N ILE B 62 -8.30 -4.74 15.17
CA ILE B 62 -7.25 -4.38 14.25
C ILE B 62 -7.81 -3.79 12.96
N ALA B 63 -7.17 -2.73 12.47
CA ALA B 63 -7.64 -2.04 11.28
C ALA B 63 -6.56 -1.91 10.22
N ALA B 64 -6.99 -1.76 8.97
CA ALA B 64 -6.09 -1.39 7.88
C ALA B 64 -6.12 0.13 7.70
N GLN B 65 -5.06 0.68 7.14
CA GLN B 65 -4.98 2.13 6.97
C GLN B 65 -5.47 2.57 5.60
N ASN B 66 -5.69 1.58 4.73
CA ASN B 66 -6.14 1.82 3.36
C ASN B 66 -6.48 0.50 2.67
N ALA B 67 -7.20 0.60 1.55
CA ALA B 67 -7.43 -0.53 0.66
C ALA B 67 -8.03 -0.04 -0.64
N ILE B 68 -8.03 -0.91 -1.65
CA ILE B 68 -8.81 -0.67 -2.85
C ILE B 68 -9.97 -1.65 -2.86
N ALA B 69 -10.96 -1.40 -3.72
CA ALA B 69 -12.21 -2.15 -3.70
C ALA B 69 -12.04 -3.63 -4.04
N LYS B 70 -11.35 -3.91 -5.14
CA LYS B 70 -11.28 -5.29 -5.64
C LYS B 70 -9.87 -5.79 -5.89
N SER B 71 -9.70 -7.11 -5.86
CA SER B 71 -8.43 -7.74 -6.21
C SER B 71 -8.22 -7.71 -7.71
N GLY B 72 -6.96 -7.78 -8.14
CA GLY B 72 -6.65 -7.77 -9.56
C GLY B 72 -5.30 -7.17 -9.90
N ALA B 73 -5.17 -6.67 -11.12
CA ALA B 73 -3.91 -6.15 -11.62
C ALA B 73 -3.62 -4.75 -11.08
N PHE B 74 -3.36 -4.69 -9.78
CA PHE B 74 -3.06 -3.43 -9.11
C PHE B 74 -1.81 -3.61 -8.24
N THR B 75 -0.66 -3.69 -8.90
CA THR B 75 0.61 -3.97 -8.23
C THR B 75 0.90 -3.00 -7.09
N GLY B 76 1.21 -3.54 -5.92
CA GLY B 76 1.56 -2.75 -4.76
C GLY B 76 0.40 -2.45 -3.82
N GLU B 77 -0.83 -2.63 -4.31
CA GLU B 77 -2.01 -2.31 -3.53
C GLU B 77 -2.60 -3.52 -2.81
N VAL B 78 -3.48 -3.26 -1.84
CA VAL B 78 -4.15 -4.30 -1.08
C VAL B 78 -5.66 -4.12 -1.16
N SER B 79 -6.39 -5.19 -1.45
CA SER B 79 -7.83 -5.11 -1.65
C SER B 79 -8.64 -5.51 -0.41
N LEU B 80 -9.90 -5.12 -0.40
CA LEU B 80 -10.81 -5.48 0.68
C LEU B 80 -11.03 -7.00 0.83
N PRO B 81 -11.20 -7.74 -0.28
CA PRO B 81 -11.35 -9.19 -0.10
C PRO B 81 -10.13 -9.85 0.54
N ILE B 82 -8.93 -9.36 0.21
CA ILE B 82 -7.70 -9.87 0.79
C ILE B 82 -7.67 -9.60 2.30
N LEU B 83 -8.05 -8.39 2.68
CA LEU B 83 -8.09 -8.02 4.10
C LEU B 83 -9.14 -8.83 4.85
N LYS B 84 -10.29 -9.07 4.22
CA LYS B 84 -11.35 -9.85 4.84
C LYS B 84 -10.90 -11.28 5.08
N ASP B 85 -10.23 -11.86 4.09
CA ASP B 85 -9.69 -13.20 4.20
C ASP B 85 -8.62 -13.28 5.30
N PHE B 86 -7.95 -12.16 5.54
CA PHE B 86 -6.88 -12.11 6.53
C PHE B 86 -7.43 -11.83 7.93
N GLY B 87 -8.75 -11.73 8.04
CA GLY B 87 -9.39 -11.56 9.34
C GLY B 87 -9.39 -10.14 9.86
N VAL B 88 -9.14 -9.18 8.98
CA VAL B 88 -9.15 -7.77 9.34
C VAL B 88 -10.49 -7.16 8.96
N ASN B 89 -11.21 -6.62 9.94
CA ASN B 89 -12.58 -6.18 9.74
C ASN B 89 -12.80 -4.68 9.94
N TRP B 90 -11.73 -3.98 10.31
CA TRP B 90 -11.79 -2.53 10.46
C TRP B 90 -10.86 -1.85 9.46
N ILE B 91 -11.16 -0.61 9.11
CA ILE B 91 -10.32 0.10 8.15
C ILE B 91 -10.49 1.62 8.23
N VAL B 92 -9.38 2.33 8.10
CA VAL B 92 -9.39 3.77 7.97
C VAL B 92 -9.32 4.14 6.49
N LEU B 93 -10.23 5.02 6.06
CA LEU B 93 -10.29 5.42 4.66
C LEU B 93 -10.36 6.93 4.51
N GLY B 94 -9.81 7.43 3.41
CA GLY B 94 -9.87 8.85 3.09
C GLY B 94 -9.08 9.74 4.02
N HIS B 95 -8.00 9.21 4.59
CA HIS B 95 -7.14 10.00 5.46
C HIS B 95 -6.58 11.20 4.69
N SER B 96 -6.35 12.30 5.40
CA SER B 96 -5.90 13.54 4.78
C SER B 96 -4.60 13.36 4.01
N GLU B 97 -3.75 12.46 4.48
CA GLU B 97 -2.48 12.19 3.83
C GLU B 97 -2.68 11.50 2.48
N ARG B 98 -3.72 10.67 2.38
CA ARG B 98 -4.03 10.00 1.12
C ARG B 98 -4.77 10.95 0.19
N ARG B 99 -5.57 11.85 0.77
CA ARG B 99 -6.27 12.86 0.00
C ARG B 99 -5.29 13.84 -0.65
N ALA B 100 -4.18 14.11 0.04
CA ALA B 100 -3.21 15.09 -0.44
C ALA B 100 -2.14 14.47 -1.32
N TYR B 101 -1.62 13.31 -0.93
CA TYR B 101 -0.47 12.73 -1.61
C TYR B 101 -0.85 11.73 -2.70
N TYR B 102 -1.93 10.98 -2.49
CA TYR B 102 -2.20 9.82 -3.33
C TYR B 102 -3.53 9.91 -4.07
N GLY B 103 -3.89 11.13 -4.46
CA GLY B 103 -5.00 11.36 -5.38
C GLY B 103 -6.38 10.86 -5.00
N GLU B 104 -6.66 10.78 -3.70
CA GLU B 104 -7.98 10.33 -3.27
C GLU B 104 -8.93 11.51 -3.09
N THR B 105 -9.72 11.77 -4.14
CA THR B 105 -10.71 12.84 -4.12
C THR B 105 -11.89 12.47 -3.22
N ASN B 106 -12.80 13.41 -3.04
CA ASN B 106 -14.01 13.16 -2.26
C ASN B 106 -14.78 11.95 -2.78
N GLU B 107 -14.83 11.82 -4.10
CA GLU B 107 -15.59 10.76 -4.74
C GLU B 107 -14.85 9.43 -4.69
N ILE B 108 -13.51 9.47 -4.72
CA ILE B 108 -12.69 8.28 -4.58
C ILE B 108 -12.85 7.70 -3.18
N VAL B 109 -12.81 8.58 -2.18
CA VAL B 109 -13.01 8.19 -0.79
C VAL B 109 -14.38 7.56 -0.60
N ALA B 110 -15.39 8.19 -1.18
CA ALA B 110 -16.78 7.74 -1.07
C ALA B 110 -16.96 6.33 -1.62
N ASP B 111 -16.30 6.05 -2.75
CA ASP B 111 -16.40 4.75 -3.38
C ASP B 111 -15.75 3.67 -2.52
N LYS B 112 -14.61 3.98 -1.93
CA LYS B 112 -13.91 3.04 -1.06
C LYS B 112 -14.72 2.75 0.20
N VAL B 113 -15.29 3.79 0.79
CA VAL B 113 -16.13 3.64 1.98
C VAL B 113 -17.32 2.72 1.69
N ALA B 114 -18.02 2.99 0.60
CA ALA B 114 -19.18 2.21 0.19
C ALA B 114 -18.80 0.76 -0.09
N ALA B 115 -17.64 0.55 -0.71
CA ALA B 115 -17.17 -0.79 -1.02
C ALA B 115 -16.81 -1.54 0.26
N ALA B 116 -16.22 -0.84 1.21
CA ALA B 116 -15.83 -1.44 2.48
C ALA B 116 -17.05 -1.86 3.29
N VAL B 117 -18.05 -0.98 3.35
CA VAL B 117 -19.28 -1.27 4.06
C VAL B 117 -19.99 -2.48 3.43
N ALA B 118 -20.00 -2.52 2.09
CA ALA B 118 -20.63 -3.61 1.36
C ALA B 118 -19.93 -4.93 1.63
N SER B 119 -18.66 -4.87 1.99
CA SER B 119 -17.88 -6.08 2.27
C SER B 119 -17.90 -6.46 3.75
N GLY B 120 -18.64 -5.70 4.55
CA GLY B 120 -18.81 -6.02 5.96
C GLY B 120 -17.80 -5.38 6.89
N PHE B 121 -17.09 -4.36 6.42
CA PHE B 121 -16.10 -3.67 7.24
C PHE B 121 -16.72 -2.61 8.14
N MET B 122 -16.11 -2.38 9.29
CA MET B 122 -16.36 -1.18 10.07
C MET B 122 -15.42 -0.10 9.54
N VAL B 123 -15.96 1.07 9.21
CA VAL B 123 -15.17 2.08 8.52
C VAL B 123 -15.03 3.38 9.30
N ILE B 124 -13.78 3.80 9.50
CA ILE B 124 -13.48 5.12 10.03
C ILE B 124 -13.16 6.05 8.86
N ALA B 125 -14.15 6.85 8.46
CA ALA B 125 -14.01 7.74 7.32
C ALA B 125 -13.54 9.13 7.74
N CYS B 126 -12.43 9.57 7.15
CA CYS B 126 -11.81 10.82 7.54
C CYS B 126 -12.28 12.01 6.70
N ILE B 127 -12.61 13.10 7.38
CA ILE B 127 -12.91 14.37 6.73
C ILE B 127 -12.20 15.48 7.49
N GLY B 128 -11.96 16.61 6.84
CA GLY B 128 -11.27 17.71 7.48
C GLY B 128 -10.78 18.78 6.52
N GLU B 129 -10.70 20.02 6.99
CA GLU B 129 -10.29 21.14 6.16
C GLU B 129 -8.82 21.49 6.37
N THR B 130 -8.24 22.18 5.41
CA THR B 130 -6.86 22.64 5.52
C THR B 130 -6.78 23.96 6.28
N LEU B 131 -5.56 24.41 6.54
CA LEU B 131 -5.34 25.67 7.25
C LEU B 131 -5.93 26.85 6.50
N GLN B 132 -5.71 26.88 5.18
CA GLN B 132 -6.22 27.95 4.34
C GLN B 132 -7.75 27.96 4.31
N GLU B 133 -8.34 26.78 4.25
CA GLU B 133 -9.79 26.65 4.17
C GLU B 133 -10.49 27.12 5.44
N ARG B 134 -9.83 26.96 6.58
CA ARG B 134 -10.40 27.42 7.84
C ARG B 134 -10.25 28.94 8.00
N GLU B 135 -9.05 29.45 7.72
CA GLU B 135 -8.78 30.87 7.88
C GLU B 135 -9.51 31.72 6.84
N SER B 136 -9.94 31.08 5.76
CA SER B 136 -10.75 31.77 4.74
C SER B 136 -12.23 31.60 5.05
N GLY B 137 -12.53 30.93 6.16
CA GLY B 137 -13.90 30.74 6.60
C GLY B 137 -14.69 29.78 5.73
N ARG B 138 -14.03 28.76 5.21
CA ARG B 138 -14.69 27.80 4.33
C ARG B 138 -14.72 26.39 4.93
N THR B 139 -14.60 26.30 6.25
CA THR B 139 -14.58 25.01 6.93
C THR B 139 -15.89 24.24 6.72
N ALA B 140 -17.02 24.93 6.87
CA ALA B 140 -18.33 24.30 6.76
C ALA B 140 -18.56 23.71 5.37
N VAL B 141 -18.35 24.51 4.33
CA VAL B 141 -18.62 24.05 2.97
C VAL B 141 -17.67 22.93 2.56
N VAL B 142 -16.43 22.98 3.01
CA VAL B 142 -15.45 21.96 2.67
C VAL B 142 -15.75 20.63 3.36
N VAL B 143 -15.90 20.68 4.68
CA VAL B 143 -16.13 19.49 5.48
C VAL B 143 -17.46 18.80 5.14
N LEU B 144 -18.51 19.59 4.98
CA LEU B 144 -19.83 19.04 4.69
C LEU B 144 -19.91 18.50 3.27
N THR B 145 -19.14 19.06 2.35
CA THR B 145 -19.07 18.55 1.00
C THR B 145 -18.41 17.17 0.99
N GLN B 146 -17.40 17.01 1.83
CA GLN B 146 -16.67 15.74 1.92
C GLN B 146 -17.57 14.61 2.41
N ILE B 147 -18.37 14.88 3.44
CA ILE B 147 -19.25 13.85 3.99
C ILE B 147 -20.47 13.65 3.10
N ALA B 148 -20.85 14.68 2.35
CA ALA B 148 -21.97 14.58 1.43
C ALA B 148 -21.64 13.62 0.28
N ALA B 149 -20.42 13.72 -0.22
CA ALA B 149 -19.96 12.84 -1.28
C ALA B 149 -19.99 11.38 -0.80
N ILE B 150 -19.59 11.17 0.45
CA ILE B 150 -19.67 9.86 1.07
C ILE B 150 -21.12 9.41 1.20
N ALA B 151 -21.97 10.33 1.66
CA ALA B 151 -23.38 10.03 1.92
C ALA B 151 -24.13 9.59 0.65
N LYS B 152 -23.75 10.15 -0.49
CA LYS B 152 -24.40 9.83 -1.76
C LYS B 152 -24.25 8.36 -2.14
N LYS B 153 -23.18 7.73 -1.67
CA LYS B 153 -22.89 6.36 -2.03
C LYS B 153 -23.35 5.37 -0.96
N LEU B 154 -24.05 5.87 0.06
CA LEU B 154 -24.49 5.03 1.16
C LEU B 154 -26.00 4.95 1.28
N LYS B 155 -26.50 3.77 1.62
CA LYS B 155 -27.89 3.63 2.05
C LYS B 155 -27.93 3.88 3.55
N LYS B 156 -29.13 4.12 4.09
CA LYS B 156 -29.27 4.50 5.50
C LYS B 156 -28.69 3.45 6.44
N ALA B 157 -28.84 2.18 6.08
CA ALA B 157 -28.36 1.08 6.93
C ALA B 157 -26.84 1.06 7.06
N ASP B 158 -26.14 1.65 6.08
CA ASP B 158 -24.68 1.61 6.05
C ASP B 158 -24.03 2.42 7.18
N TRP B 159 -24.73 3.45 7.65
CA TRP B 159 -24.17 4.33 8.67
C TRP B 159 -23.90 3.63 9.99
N ALA B 160 -24.55 2.48 10.20
CA ALA B 160 -24.31 1.69 11.40
C ALA B 160 -22.89 1.14 11.42
N LYS B 161 -22.28 1.03 10.24
CA LYS B 161 -20.91 0.56 10.11
C LYS B 161 -19.93 1.70 9.87
N VAL B 162 -20.41 2.92 9.92
CA VAL B 162 -19.58 4.09 9.62
C VAL B 162 -19.22 4.89 10.87
N VAL B 163 -17.93 5.19 11.00
CA VAL B 163 -17.46 6.09 12.04
C VAL B 163 -16.81 7.30 11.36
N ILE B 164 -17.22 8.51 11.75
CA ILE B 164 -16.67 9.71 11.16
C ILE B 164 -15.51 10.25 11.99
N ALA B 165 -14.38 10.50 11.34
CA ALA B 165 -13.23 11.09 12.00
C ALA B 165 -12.97 12.49 11.47
N TYR B 166 -13.37 13.51 12.24
CA TYR B 166 -13.06 14.88 11.87
C TYR B 166 -11.60 15.17 12.16
N GLU B 167 -10.81 15.29 11.09
N GLU B 167 -10.81 15.29 11.10
CA GLU B 167 -9.38 15.51 11.23
CA GLU B 167 -9.37 15.51 11.24
C GLU B 167 -8.91 16.72 10.44
C GLU B 167 -8.91 16.72 10.44
N PRO B 168 -8.85 17.89 11.10
CA PRO B 168 -8.36 19.11 10.46
C PRO B 168 -6.90 18.96 10.06
N VAL B 169 -6.59 19.26 8.80
CA VAL B 169 -5.26 19.04 8.24
C VAL B 169 -4.19 19.86 8.96
N TRP B 170 -4.57 21.06 9.41
CA TRP B 170 -3.64 21.94 10.09
C TRP B 170 -3.25 21.42 11.47
N ALA B 171 -3.93 20.38 11.94
CA ALA B 171 -3.66 19.80 13.26
C ALA B 171 -2.95 18.46 13.15
N ALA B 172 -2.78 17.98 11.92
CA ALA B 172 -2.18 16.67 11.69
C ALA B 172 -0.67 16.70 11.83
N GLY B 173 -0.18 16.25 12.98
CA GLY B 173 1.25 16.14 13.24
C GLY B 173 1.98 17.46 13.40
N THR B 174 1.23 18.56 13.42
CA THR B 174 1.82 19.89 13.51
C THR B 174 2.02 20.34 14.95
N GLY B 175 1.42 19.62 15.89
CA GLY B 175 1.50 19.97 17.29
C GLY B 175 0.51 21.07 17.64
N LYS B 176 -0.33 21.44 16.68
CA LYS B 176 -1.34 22.46 16.87
C LYS B 176 -2.72 21.82 17.02
N VAL B 177 -3.00 21.30 18.20
CA VAL B 177 -4.27 20.65 18.48
C VAL B 177 -5.41 21.66 18.47
N ALA B 178 -6.57 21.24 17.99
CA ALA B 178 -7.75 22.09 18.05
C ALA B 178 -8.20 22.24 19.49
N THR B 179 -8.70 23.42 19.85
CA THR B 179 -9.26 23.64 21.17
C THR B 179 -10.53 22.81 21.29
N PRO B 180 -10.93 22.47 22.54
CA PRO B 180 -12.19 21.74 22.74
C PRO B 180 -13.39 22.42 22.10
N GLN B 181 -13.32 23.75 21.97
CA GLN B 181 -14.40 24.53 21.37
C GLN B 181 -14.43 24.37 19.85
N GLN B 182 -13.24 24.44 19.24
CA GLN B 182 -13.13 24.29 17.79
C GLN B 182 -13.56 22.90 17.34
N ALA B 183 -13.20 21.89 18.12
CA ALA B 183 -13.58 20.51 17.82
C ALA B 183 -15.09 20.33 17.98
N GLN B 184 -15.62 20.77 19.11
CA GLN B 184 -17.05 20.67 19.39
C GLN B 184 -17.89 21.37 18.33
N GLU B 185 -17.46 22.56 17.93
CA GLU B 185 -18.16 23.34 16.91
C GLU B 185 -18.25 22.57 15.59
N ALA B 186 -17.15 21.91 15.22
CA ALA B 186 -17.10 21.15 13.98
C ALA B 186 -17.93 19.87 14.10
N HIS B 187 -17.82 19.18 15.23
CA HIS B 187 -18.58 17.97 15.46
C HIS B 187 -20.08 18.26 15.48
N ALA B 188 -20.46 19.37 16.10
CA ALA B 188 -21.86 19.77 16.17
C ALA B 188 -22.40 20.08 14.78
N LEU B 189 -21.55 20.68 13.95
CA LEU B 189 -21.92 20.99 12.57
C LEU B 189 -22.15 19.71 11.77
N ILE B 190 -21.24 18.75 11.92
CA ILE B 190 -21.33 17.48 11.20
C ILE B 190 -22.58 16.70 11.59
N ARG B 191 -22.80 16.53 12.89
CA ARG B 191 -23.94 15.76 13.38
C ARG B 191 -25.27 16.43 13.01
N SER B 192 -25.26 17.76 12.95
CA SER B 192 -26.47 18.50 12.58
C SER B 192 -26.82 18.24 11.12
N TRP B 193 -25.79 18.17 10.27
CA TRP B 193 -26.01 17.87 8.85
C TRP B 193 -26.50 16.44 8.68
N VAL B 194 -25.89 15.51 9.40
CA VAL B 194 -26.30 14.12 9.35
C VAL B 194 -27.74 13.97 9.85
N SER B 195 -28.08 14.71 10.89
CA SER B 195 -29.43 14.69 11.45
C SER B 195 -30.47 15.15 10.43
N SER B 196 -30.17 16.26 9.75
CA SER B 196 -31.10 16.84 8.78
C SER B 196 -31.18 16.03 7.49
N LYS B 197 -30.04 15.60 6.98
CA LYS B 197 -29.98 14.94 5.68
C LYS B 197 -30.24 13.44 5.76
N ILE B 198 -29.66 12.78 6.75
CA ILE B 198 -29.74 11.32 6.83
C ILE B 198 -30.80 10.86 7.82
N GLY B 199 -30.97 11.61 8.91
CA GLY B 199 -31.94 11.27 9.93
C GLY B 199 -31.44 11.54 11.34
N ALA B 200 -32.38 11.88 12.22
CA ALA B 200 -32.03 12.18 13.61
C ALA B 200 -31.62 10.92 14.35
N ASP B 201 -32.18 9.78 13.95
CA ASP B 201 -31.84 8.49 14.55
C ASP B 201 -30.39 8.10 14.24
N VAL B 202 -29.99 8.27 12.98
CA VAL B 202 -28.64 7.97 12.54
C VAL B 202 -27.61 8.86 13.23
N ALA B 203 -27.92 10.16 13.29
CA ALA B 203 -27.02 11.12 13.91
C ALA B 203 -26.83 10.88 15.40
N GLY B 204 -27.85 10.31 16.04
CA GLY B 204 -27.79 10.04 17.46
C GLY B 204 -26.86 8.88 17.80
N GLU B 205 -26.70 7.97 16.83
CA GLU B 205 -25.86 6.80 17.02
C GLU B 205 -24.47 6.98 16.42
N LEU B 206 -24.33 8.00 15.57
CA LEU B 206 -23.08 8.20 14.85
C LEU B 206 -21.94 8.60 15.76
N ARG B 207 -20.81 7.89 15.65
CA ARG B 207 -19.60 8.27 16.38
C ARG B 207 -18.78 9.27 15.57
N ILE B 208 -18.49 10.43 16.18
CA ILE B 208 -17.64 11.43 15.55
C ILE B 208 -16.37 11.60 16.38
N LEU B 209 -15.26 11.15 15.81
CA LEU B 209 -13.96 11.22 16.48
C LEU B 209 -13.20 12.46 16.05
N TYR B 210 -12.37 12.98 16.95
CA TYR B 210 -11.45 14.05 16.58
C TYR B 210 -10.05 13.50 16.36
N GLY B 211 -9.37 14.01 15.34
CA GLY B 211 -8.00 13.62 15.08
C GLY B 211 -7.15 14.83 14.74
N GLY B 212 -5.98 14.92 15.36
CA GLY B 212 -5.07 16.03 15.12
C GLY B 212 -4.34 16.45 16.38
N SER B 213 -3.13 15.94 16.54
CA SER B 213 -2.26 16.27 17.68
C SER B 213 -2.91 15.99 19.02
N VAL B 214 -3.68 14.91 19.10
CA VAL B 214 -4.25 14.47 20.37
C VAL B 214 -3.15 13.81 21.20
N ASN B 215 -3.03 14.22 22.45
CA ASN B 215 -2.09 13.59 23.36
C ASN B 215 -2.72 13.28 24.71
N GLY B 216 -1.93 12.76 25.65
CA GLY B 216 -2.44 12.38 26.95
C GLY B 216 -2.83 13.55 27.83
N LYS B 217 -2.46 14.76 27.42
CA LYS B 217 -2.71 15.95 28.22
C LYS B 217 -3.99 16.69 27.80
N ASN B 218 -4.31 16.66 26.51
CA ASN B 218 -5.45 17.40 26.00
C ASN B 218 -6.68 16.53 25.72
N ALA B 219 -6.50 15.22 25.75
CA ALA B 219 -7.56 14.28 25.36
C ALA B 219 -8.79 14.37 26.26
N ARG B 220 -8.57 14.39 27.57
CA ARG B 220 -9.67 14.42 28.53
C ARG B 220 -10.61 15.60 28.29
N THR B 221 -10.05 16.80 28.20
CA THR B 221 -10.83 18.01 28.01
C THR B 221 -11.54 18.01 26.66
N LEU B 222 -10.88 17.42 25.66
CA LEU B 222 -11.48 17.30 24.33
C LEU B 222 -12.71 16.40 24.35
N TYR B 223 -12.63 15.30 25.10
CA TYR B 223 -13.72 14.33 25.14
C TYR B 223 -14.89 14.82 25.97
N GLN B 224 -14.64 15.78 26.85
CA GLN B 224 -15.70 16.33 27.70
C GLN B 224 -16.77 17.04 26.88
N GLN B 225 -16.44 17.38 25.64
CA GLN B 225 -17.35 18.10 24.77
C GLN B 225 -18.55 17.24 24.36
N ARG B 226 -19.66 17.92 24.09
CA ARG B 226 -20.95 17.28 23.81
C ARG B 226 -20.92 16.28 22.65
N ASP B 227 -20.28 16.64 21.55
CA ASP B 227 -20.34 15.83 20.35
C ASP B 227 -19.02 15.15 19.97
N VAL B 228 -18.14 14.97 20.96
CA VAL B 228 -16.89 14.25 20.74
C VAL B 228 -17.03 12.81 21.26
N ASN B 229 -16.87 11.85 20.37
CA ASN B 229 -17.08 10.44 20.73
C ASN B 229 -15.80 9.61 20.70
N GLY B 230 -14.65 10.28 20.80
CA GLY B 230 -13.39 9.56 20.81
C GLY B 230 -12.32 10.24 19.97
N PHE B 231 -11.26 9.50 19.66
CA PHE B 231 -10.10 10.10 19.00
C PHE B 231 -9.45 9.21 17.95
N ALA B 232 -8.96 9.85 16.88
CA ALA B 232 -8.04 9.22 15.96
C ALA B 232 -6.65 9.75 16.25
N VAL B 233 -5.77 8.88 16.74
CA VAL B 233 -4.47 9.30 17.24
C VAL B 233 -3.31 8.84 16.37
N GLY B 234 -2.44 9.78 16.00
CA GLY B 234 -1.28 9.47 15.19
C GLY B 234 -0.03 9.27 16.02
N GLY B 235 0.74 10.34 16.19
CA GLY B 235 2.03 10.29 16.85
C GLY B 235 2.00 9.74 18.26
N ALA B 236 0.99 10.15 19.04
CA ALA B 236 0.88 9.71 20.43
C ALA B 236 0.45 8.24 20.54
N SER B 237 -0.01 7.67 19.43
CA SER B 237 -0.41 6.27 19.43
C SER B 237 0.81 5.36 19.30
N LEU B 238 1.96 5.96 19.00
CA LEU B 238 3.22 5.23 18.93
C LEU B 238 3.95 5.29 20.28
N LYS B 239 3.29 5.87 21.27
CA LYS B 239 3.88 6.07 22.59
C LYS B 239 3.00 5.46 23.68
N PRO B 240 3.59 5.21 24.87
CA PRO B 240 2.79 4.74 26.02
C PRO B 240 1.66 5.68 26.39
N GLU B 241 1.78 6.93 25.92
CA GLU B 241 0.80 7.97 26.12
C GLU B 241 -0.61 7.58 25.65
N PHE B 242 -0.68 6.67 24.69
CA PHE B 242 -1.95 6.26 24.12
C PHE B 242 -2.90 5.64 25.16
N VAL B 243 -2.32 5.01 26.18
CA VAL B 243 -3.09 4.45 27.27
C VAL B 243 -3.88 5.53 28.00
N ASP B 244 -3.26 6.69 28.17
CA ASP B 244 -3.91 7.82 28.84
C ASP B 244 -5.05 8.39 27.99
N ILE B 245 -4.90 8.30 26.68
CA ILE B 245 -5.93 8.77 25.76
C ILE B 245 -7.16 7.86 25.84
N ILE B 246 -6.92 6.56 25.96
CA ILE B 246 -7.99 5.58 26.11
C ILE B 246 -8.82 5.86 27.37
N LYS B 247 -8.14 6.11 28.48
CA LYS B 247 -8.81 6.38 29.75
C LYS B 247 -9.51 7.74 29.72
N ALA B 248 -9.05 8.62 28.83
CA ALA B 248 -9.63 9.96 28.71
C ALA B 248 -11.02 9.94 28.09
N THR B 249 -11.44 8.78 27.58
CA THR B 249 -12.77 8.65 27.00
C THR B 249 -13.80 8.25 28.07
N GLN B 250 -13.58 8.72 29.29
CA GLN B 250 -14.43 8.42 30.45
C GLN B 250 -14.51 6.93 30.73
K K C . 1.47 -14.34 -17.71
K K D . -4.14 -9.64 -11.56
P PGA E . -1.36 13.22 14.74
O1P PGA E . -2.11 12.82 13.38
O2P PGA E . -2.12 12.64 15.92
O3P PGA E . 0.04 12.67 14.72
O4P PGA E . -1.33 14.73 14.86
C2 PGA E . -3.29 12.05 13.39
C1 PGA E . -3.77 11.86 11.98
O1 PGA E . -4.54 10.91 11.69
O2 PGA E . -3.41 12.64 11.07
#